data_4ZC7
#
_entry.id   4ZC7
#
_cell.length_a   31.690
_cell.length_b   57.180
_cell.length_c   47.700
_cell.angle_alpha   78.920
_cell.angle_beta   109.440
_cell.angle_gamma   123.610
#
_symmetry.space_group_name_H-M   'P 1'
#
loop_
_entity.id
_entity.type
_entity.pdbx_description
1 polymer 'RNA duplex'
2 non-polymer PAROMOMYCIN
3 water water
#
_entity_poly.entity_id   1
_entity_poly.type   'polyribonucleotide'
_entity_poly.pdbx_seq_one_letter_code
;UUGCGUCGUUCCGGAAAAGUCGCUUGCGUCGUUCCGGAAAAGUCGCUUGCGUCGUUCCGGAAAAGUCGCUUGCGUCGUUC
CGGAAAAGUCGC
;
_entity_poly.pdbx_strand_id   A,B,C,D
#
loop_
_chem_comp.id
_chem_comp.type
_chem_comp.name
_chem_comp.formula
A RNA linking ADENOSINE-5'-MONOPHOSPHATE 'C10 H14 N5 O7 P'
C RNA linking CYTIDINE-5'-MONOPHOSPHATE 'C9 H14 N3 O8 P'
G RNA linking GUANOSINE-5'-MONOPHOSPHATE 'C10 H14 N5 O8 P'
PAR non-polymer PAROMOMYCIN 'C23 H45 N5 O14'
U RNA linking URIDINE-5'-MONOPHOSPHATE 'C9 H13 N2 O9 P'
#
# COMPACT_ATOMS: atom_id res chain seq x y z
C11 PAR E . -16.29 11.48 11.30
O11 PAR E . -17.36 11.98 10.55
C21 PAR E . -16.74 10.21 12.06
N21 PAR E . -17.84 9.56 11.37
C31 PAR E . -17.12 10.47 13.47
O31 PAR E . -17.44 9.22 14.18
C41 PAR E . -15.98 11.12 14.14
O41 PAR E . -16.20 11.13 15.55
C51 PAR E . -15.88 12.54 13.59
O51 PAR E . -15.65 12.55 12.11
C61 PAR E . -14.81 13.29 14.32
O61 PAR E . -13.93 13.94 13.40
C12 PAR E . -17.74 15.56 8.16
N12 PAR E . -17.06 16.56 7.38
C22 PAR E . -17.18 15.62 9.56
C32 PAR E . -17.62 14.39 10.34
N32 PAR E . -17.27 14.59 11.71
C42 PAR E . -16.99 13.14 9.74
C52 PAR E . -17.46 12.94 8.32
O52 PAR E . -16.56 12.04 7.63
C62 PAR E . -17.52 14.23 7.45
O62 PAR E . -18.57 14.13 6.50
C13 PAR E . -16.93 10.70 7.65
C23 PAR E . -17.16 10.24 6.43
O23 PAR E . -17.88 8.97 6.51
C33 PAR E . -15.74 10.00 5.86
O33 PAR E . -15.71 9.01 4.92
C43 PAR E . -14.92 9.56 7.12
O43 PAR E . -15.68 9.80 8.17
C53 PAR E . -13.58 10.35 7.16
O53 PAR E . -13.69 11.52 8.00
C11 PAR F . 11.45 -11.10 -9.19
O11 PAR F . 12.80 -10.89 -9.48
C21 PAR F . 11.33 -12.15 -8.09
N21 PAR F . 12.37 -11.91 -7.09
C31 PAR F . 11.47 -13.51 -8.60
O31 PAR F . 11.21 -14.46 -7.52
C41 PAR F . 10.52 -13.78 -9.70
O41 PAR F . 10.67 -15.14 -10.11
C51 PAR F . 10.78 -12.85 -10.86
O51 PAR F . 10.68 -11.43 -10.43
C61 PAR F . 9.82 -13.14 -11.97
O61 PAR F . 9.67 -12.02 -12.83
C12 PAR F . 14.81 -7.77 -11.58
N12 PAR F . 14.85 -6.55 -12.33
C22 PAR F . 14.06 -8.81 -12.35
C32 PAR F . 13.87 -10.05 -11.48
N32 PAR F . 13.29 -11.11 -12.26
C42 PAR F . 12.97 -9.71 -10.31
C52 PAR F . 13.47 -8.56 -9.49
O52 PAR F . 12.30 -7.98 -8.93
C62 PAR F . 14.20 -7.44 -10.23
O62 PAR F . 15.26 -6.94 -9.43
C13 PAR F . 12.54 -7.45 -7.67
C23 PAR F . 11.59 -6.59 -7.35
O23 PAR F . 12.04 -5.21 -7.55
C33 PAR F . 11.29 -6.87 -5.88
O33 PAR F . 12.21 -6.25 -5.10
C43 PAR F . 11.48 -8.42 -5.79
O43 PAR F . 12.49 -8.66 -6.57
C53 PAR F . 10.19 -9.14 -6.30
O53 PAR F . 10.01 -10.36 -5.58
C14 PAR F . 11.68 -6.04 -3.83
C24 PAR F . 12.01 -4.64 -3.41
N24 PAR F . 13.47 -4.39 -3.54
C34 PAR F . 11.60 -4.38 -2.01
O34 PAR F . 10.17 -4.37 -1.96
C44 PAR F . 12.13 -5.41 -1.04
O44 PAR F . 13.54 -5.27 -0.89
C54 PAR F . 11.82 -6.81 -1.48
O54 PAR F . 12.26 -7.05 -2.86
C64 PAR F . 12.46 -7.83 -0.50
N64 PAR F . 13.67 -8.39 -1.05
#